data_2ANV
#
_entry.id   2ANV
#
_cell.length_a   134.013
_cell.length_b   50.415
_cell.length_c   46.587
_cell.angle_alpha   90.00
_cell.angle_beta   103.80
_cell.angle_gamma   90.00
#
_symmetry.space_group_name_H-M   'C 1 2 1'
#
loop_
_entity.id
_entity.type
_entity.pdbx_description
1 polymer Lysozyme
2 non-polymer 'SULFATE ION'
3 non-polymer 'MAGNESIUM ION'
4 non-polymer 'SAMARIUM (III) ION'
5 non-polymer 'IODIDE ION'
6 non-polymer 'CHLORIDE ION'
7 water water
#
_entity_poly.entity_id   1
_entity_poly.type   'polypeptide(L)'
_entity_poly.pdbx_seq_one_letter_code
;MMQISSNGITRLKREEGERLKAYSDSRGIPTIGVGHTGKVDGNSVASGMTITAEKSSELLKEDLQWVEDAISSLVRVPLN
QNQYDAMCSLIFNIGKSAFAGSTVLRQLNLKNYQAAADAFLLWKKAGKDPDILLPRRRRERALFLS
;
_entity_poly.pdbx_strand_id   A,B
#
loop_
_chem_comp.id
_chem_comp.type
_chem_comp.name
_chem_comp.formula
CL non-polymer 'CHLORIDE ION' 'Cl -1'
IOD non-polymer 'IODIDE ION' 'I -1'
MG non-polymer 'MAGNESIUM ION' 'Mg 2'
SM non-polymer 'SAMARIUM (III) ION' 'Sm 3'
SO4 non-polymer 'SULFATE ION' 'O4 S -2'
#
# COMPACT_ATOMS: atom_id res chain seq x y z
N MET A 1 -26.75 0.41 -4.98
CA MET A 1 -26.33 0.58 -3.60
C MET A 1 -25.55 1.86 -3.52
N MET A 2 -25.15 2.21 -2.31
CA MET A 2 -24.50 3.49 -2.11
C MET A 2 -23.03 3.33 -2.55
N GLN A 3 -22.54 4.43 -3.09
CA GLN A 3 -21.20 4.56 -3.62
C GLN A 3 -20.73 5.99 -3.40
N ILE A 4 -19.42 6.23 -3.51
CA ILE A 4 -18.92 7.58 -3.33
C ILE A 4 -19.53 8.53 -4.32
N SER A 5 -19.86 9.76 -3.95
CA SER A 5 -20.40 10.74 -4.83
C SER A 5 -19.31 11.56 -5.54
N SER A 6 -19.73 12.39 -6.50
CA SER A 6 -18.74 13.29 -7.13
C SER A 6 -18.14 14.25 -6.13
N ASN A 7 -18.93 14.77 -5.21
CA ASN A 7 -18.42 15.60 -4.12
C ASN A 7 -17.41 14.83 -3.28
N GLY A 8 -17.72 13.56 -3.01
CA GLY A 8 -16.81 12.74 -2.24
C GLY A 8 -15.49 12.52 -2.93
N ILE A 9 -15.52 12.30 -4.25
CA ILE A 9 -14.30 12.16 -5.05
C ILE A 9 -13.52 13.46 -5.08
N THR A 10 -14.18 14.60 -5.32
CA THR A 10 -13.43 15.85 -5.33
C THR A 10 -12.73 16.08 -4.00
N ARG A 11 -13.45 15.88 -2.90
CA ARG A 11 -12.87 16.15 -1.61
C ARG A 11 -11.74 15.19 -1.31
N LEU A 12 -11.87 13.92 -1.68
CA LEU A 12 -10.80 12.95 -1.47
C LEU A 12 -9.57 13.30 -2.32
N LYS A 13 -9.77 13.70 -3.58
CA LYS A 13 -8.66 14.09 -4.40
C LYS A 13 -7.92 15.25 -3.75
N ARG A 14 -8.71 16.17 -3.18
N ARG A 14 -8.60 16.27 -3.15
CA ARG A 14 -8.04 17.34 -2.66
CA ARG A 14 -8.03 17.41 -2.43
C ARG A 14 -7.35 17.01 -1.32
C ARG A 14 -7.12 16.91 -1.29
N GLU A 15 -7.73 15.99 -0.57
CA GLU A 15 -6.99 15.50 0.61
C GLU A 15 -5.74 14.71 0.27
N GLU A 16 -5.84 13.87 -0.75
CA GLU A 16 -4.76 12.96 -1.12
C GLU A 16 -3.72 13.58 -2.03
N GLY A 17 -4.14 14.48 -2.89
CA GLY A 17 -3.39 14.99 -3.99
C GLY A 17 -3.58 14.14 -5.21
N GLU A 18 -3.60 14.80 -6.34
CA GLU A 18 -3.66 14.17 -7.66
C GLU A 18 -2.40 14.48 -8.44
N ARG A 19 -1.85 13.48 -9.13
CA ARG A 19 -0.72 13.65 -10.02
C ARG A 19 -1.03 12.92 -11.28
N LEU A 20 -1.12 13.71 -12.36
CA LEU A 20 -1.56 13.15 -13.68
C LEU A 20 -0.40 12.62 -14.51
N LYS A 21 0.82 12.78 -14.06
CA LYS A 21 2.00 12.18 -14.68
C LYS A 21 2.56 11.18 -13.66
N ALA A 22 2.95 10.02 -14.10
CA ALA A 22 3.42 8.97 -13.23
C ALA A 22 4.64 9.44 -12.47
N TYR A 23 4.74 8.96 -11.23
CA TYR A 23 5.83 9.32 -10.34
C TYR A 23 6.12 8.12 -9.50
N SER A 24 7.24 8.11 -8.75
CA SER A 24 7.54 7.08 -7.78
C SER A 24 7.21 7.62 -6.41
N ASP A 25 6.40 6.92 -5.65
CA ASP A 25 6.04 7.38 -4.29
C ASP A 25 7.27 7.30 -3.39
N SER A 26 7.07 7.68 -2.14
CA SER A 26 8.19 7.79 -1.21
C SER A 26 8.81 6.45 -0.89
N ARG A 27 8.15 5.36 -1.18
CA ARG A 27 8.73 4.03 -1.00
C ARG A 27 9.34 3.50 -2.26
N GLY A 28 9.10 4.09 -3.42
CA GLY A 28 9.58 3.59 -4.69
C GLY A 28 8.56 2.99 -5.62
N ILE A 29 7.26 3.04 -5.27
CA ILE A 29 6.21 2.39 -6.08
C ILE A 29 5.73 3.35 -7.14
N PRO A 30 5.74 2.95 -8.41
CA PRO A 30 5.17 3.82 -9.49
C PRO A 30 3.68 4.02 -9.19
N THR A 31 3.27 5.30 -9.26
CA THR A 31 1.91 5.74 -8.89
C THR A 31 1.46 6.79 -9.87
N ILE A 32 0.14 6.89 -10.05
CA ILE A 32 -0.44 7.95 -10.87
C ILE A 32 -1.83 8.23 -10.34
N GLY A 33 -2.41 9.36 -10.76
CA GLY A 33 -3.78 9.72 -10.33
C GLY A 33 -3.76 10.01 -8.85
N VAL A 34 -4.70 9.39 -8.16
CA VAL A 34 -4.87 9.48 -6.71
C VAL A 34 -4.53 8.09 -6.13
N GLY A 35 -3.23 7.84 -6.00
CA GLY A 35 -2.80 6.60 -5.39
C GLY A 35 -3.00 5.36 -6.23
N HIS A 36 -3.12 5.44 -7.55
CA HIS A 36 -3.30 4.27 -8.40
C HIS A 36 -1.94 3.65 -8.73
N THR A 37 -1.79 2.42 -8.29
N THR A 37 -1.78 2.36 -8.51
CA THR A 37 -0.53 1.67 -8.50
CA THR A 37 -0.53 1.62 -8.82
C THR A 37 -0.76 0.57 -9.52
C THR A 37 -0.67 0.49 -9.81
N GLY A 38 -2.03 0.28 -9.82
N GLY A 38 -1.88 0.01 -10.10
CA GLY A 38 -2.26 -0.77 -10.80
CA GLY A 38 -2.05 -1.10 -11.05
C GLY A 38 -2.07 -0.30 -12.23
C GLY A 38 -1.93 -0.56 -12.46
N LYS A 39 -2.46 -1.18 -13.14
N LYS A 39 -2.22 -1.37 -13.45
CA LYS A 39 -2.31 -0.81 -14.54
CA LYS A 39 -2.13 -0.94 -14.83
C LYS A 39 -3.24 0.31 -14.97
C LYS A 39 -3.23 0.09 -15.13
N VAL A 40 -2.93 0.87 -16.14
CA VAL A 40 -3.79 1.86 -16.75
C VAL A 40 -3.87 1.54 -18.26
N ASP A 41 -5.06 1.33 -18.79
CA ASP A 41 -5.20 0.98 -20.20
C ASP A 41 -4.35 -0.25 -20.56
N GLY A 42 -4.15 -1.17 -19.64
CA GLY A 42 -3.46 -2.42 -19.94
C GLY A 42 -1.93 -2.38 -19.80
N ASN A 43 -1.40 -1.25 -19.38
CA ASN A 43 0.01 -1.07 -19.15
C ASN A 43 0.37 -0.76 -17.73
N SER A 44 1.56 -1.23 -17.26
CA SER A 44 2.01 -0.85 -15.92
CA SER A 44 1.95 -0.79 -15.92
C SER A 44 2.35 0.64 -15.85
C SER A 44 2.22 0.73 -15.94
N VAL A 45 1.90 1.29 -14.78
CA VAL A 45 2.26 2.64 -14.44
C VAL A 45 3.79 2.69 -14.44
N ALA A 46 4.32 3.67 -15.17
CA ALA A 46 5.75 3.81 -15.33
C ALA A 46 6.02 5.24 -15.72
N SER A 47 7.27 5.67 -15.48
CA SER A 47 7.69 6.95 -15.93
C SER A 47 7.38 7.20 -17.39
N GLY A 48 6.72 8.33 -17.66
CA GLY A 48 6.25 8.63 -19.00
C GLY A 48 4.78 8.52 -19.20
N MET A 49 4.06 7.85 -18.34
CA MET A 49 2.62 7.72 -18.44
C MET A 49 1.99 9.03 -18.03
N THR A 50 1.03 9.50 -18.80
N THR A 50 0.97 9.42 -18.78
CA THR A 50 0.17 10.61 -18.40
CA THR A 50 0.14 10.59 -18.49
C THR A 50 -1.29 10.14 -18.53
C THR A 50 -1.34 10.32 -18.71
N ILE A 51 -2.15 10.78 -17.75
CA ILE A 51 -3.58 10.53 -17.79
C ILE A 51 -4.36 11.85 -17.63
N THR A 52 -5.65 11.77 -17.96
CA THR A 52 -6.55 12.90 -17.73
C THR A 52 -7.15 12.85 -16.33
N ALA A 53 -7.78 13.94 -15.92
CA ALA A 53 -8.52 14.01 -14.68
C ALA A 53 -9.72 13.09 -14.68
N GLU A 54 -10.39 12.93 -15.80
CA GLU A 54 -11.47 11.96 -15.92
C GLU A 54 -10.94 10.56 -15.60
N LYS A 55 -9.82 10.21 -16.24
CA LYS A 55 -9.23 8.87 -15.97
C LYS A 55 -8.86 8.75 -14.53
N SER A 56 -8.24 9.78 -13.95
CA SER A 56 -7.87 9.73 -12.54
C SER A 56 -9.09 9.46 -11.66
N SER A 57 -10.19 10.16 -11.93
CA SER A 57 -11.40 9.91 -11.15
C SER A 57 -11.97 8.52 -11.32
N GLU A 58 -11.99 8.04 -12.59
CA GLU A 58 -12.53 6.69 -12.83
C GLU A 58 -11.61 5.66 -12.20
N LEU A 59 -10.29 5.82 -12.22
CA LEU A 59 -9.38 4.90 -11.53
C LEU A 59 -9.62 4.92 -10.04
N LEU A 60 -9.84 6.11 -9.48
CA LEU A 60 -10.08 6.21 -8.03
C LEU A 60 -11.38 5.53 -7.63
N LYS A 61 -12.43 5.71 -8.45
CA LYS A 61 -13.71 5.05 -8.14
C LYS A 61 -13.55 3.55 -8.12
N GLU A 62 -12.74 3.01 -8.99
CA GLU A 62 -12.48 1.57 -9.00
C GLU A 62 -11.58 1.16 -7.83
N ASP A 63 -10.52 1.92 -7.57
CA ASP A 63 -9.63 1.62 -6.44
C ASP A 63 -10.34 1.70 -5.10
N LEU A 64 -11.44 2.44 -5.01
CA LEU A 64 -12.24 2.53 -3.77
C LEU A 64 -13.13 1.32 -3.56
N GLN A 65 -13.14 0.34 -4.46
CA GLN A 65 -14.04 -0.79 -4.23
C GLN A 65 -13.75 -1.47 -2.89
N TRP A 66 -12.50 -1.61 -2.45
CA TRP A 66 -12.23 -2.24 -1.16
C TRP A 66 -12.80 -1.41 -0.02
N VAL A 67 -12.78 -0.10 -0.18
CA VAL A 67 -13.31 0.80 0.84
C VAL A 67 -14.81 0.68 0.95
N GLU A 68 -15.50 0.75 -0.20
CA GLU A 68 -16.95 0.59 -0.26
C GLU A 68 -17.34 -0.77 0.28
N ASP A 69 -16.58 -1.80 -0.02
CA ASP A 69 -16.86 -3.15 0.45
C ASP A 69 -16.67 -3.22 1.96
N ALA A 70 -15.69 -2.53 2.51
CA ALA A 70 -15.48 -2.50 3.96
C ALA A 70 -16.66 -1.85 4.66
N ILE A 71 -17.16 -0.76 4.08
CA ILE A 71 -18.32 -0.08 4.66
C ILE A 71 -19.50 -1.01 4.65
N SER A 72 -19.78 -1.67 3.50
CA SER A 72 -20.89 -2.60 3.39
C SER A 72 -20.79 -3.74 4.35
N SER A 73 -19.61 -4.28 4.57
CA SER A 73 -19.46 -5.45 5.41
C SER A 73 -19.43 -5.13 6.92
N LEU A 74 -18.95 -3.96 7.30
CA LEU A 74 -18.74 -3.64 8.70
C LEU A 74 -19.77 -2.70 9.31
N VAL A 75 -20.30 -1.82 8.49
CA VAL A 75 -21.21 -0.81 9.03
C VAL A 75 -22.64 -1.33 8.98
N ARG A 76 -23.37 -1.34 10.10
CA ARG A 76 -24.67 -1.96 10.23
C ARG A 76 -25.76 -0.91 10.48
N VAL A 77 -25.52 0.37 10.27
CA VAL A 77 -26.49 1.43 10.47
C VAL A 77 -26.54 2.26 9.23
N PRO A 78 -27.62 3.04 9.00
CA PRO A 78 -27.72 3.91 7.83
C PRO A 78 -26.69 5.02 7.83
N LEU A 79 -26.21 5.36 6.62
CA LEU A 79 -25.37 6.46 6.36
C LEU A 79 -26.01 7.33 5.27
N ASN A 80 -26.04 8.63 5.48
CA ASN A 80 -26.37 9.57 4.41
C ASN A 80 -25.15 9.73 3.52
N GLN A 81 -25.31 10.42 2.39
CA GLN A 81 -24.22 10.46 1.41
C GLN A 81 -23.02 11.22 1.95
N ASN A 82 -23.22 12.28 2.71
CA ASN A 82 -22.10 13.03 3.31
C ASN A 82 -21.33 12.17 4.29
N GLN A 83 -22.05 11.45 5.14
CA GLN A 83 -21.39 10.49 6.07
C GLN A 83 -20.59 9.48 5.31
N TYR A 84 -21.20 8.88 4.28
CA TYR A 84 -20.56 7.88 3.46
C TYR A 84 -19.28 8.43 2.82
N ASP A 85 -19.37 9.58 2.22
CA ASP A 85 -18.21 10.20 1.53
C ASP A 85 -17.08 10.49 2.54
N ALA A 86 -17.41 10.92 3.72
CA ALA A 86 -16.41 11.18 4.75
C ALA A 86 -15.75 9.87 5.20
N MET A 87 -16.56 8.85 5.42
CA MET A 87 -16.02 7.53 5.76
C MET A 87 -15.08 7.01 4.68
N CYS A 88 -15.44 7.19 3.42
CA CYS A 88 -14.56 6.73 2.36
C CYS A 88 -13.19 7.37 2.45
N SER A 89 -13.16 8.70 2.75
CA SER A 89 -11.92 9.41 2.84
C SER A 89 -11.07 8.93 4.00
N LEU A 90 -11.69 8.73 5.17
CA LEU A 90 -10.97 8.22 6.34
C LEU A 90 -10.37 6.86 6.06
N ILE A 91 -11.20 5.94 5.56
CA ILE A 91 -10.77 4.55 5.38
C ILE A 91 -9.72 4.43 4.29
N PHE A 92 -9.88 5.18 3.19
CA PHE A 92 -8.86 5.16 2.14
C PHE A 92 -7.50 5.53 2.71
N ASN A 93 -7.46 6.39 3.67
CA ASN A 93 -6.22 6.78 4.37
C ASN A 93 -5.75 5.70 5.36
N ILE A 94 -6.57 5.36 6.36
CA ILE A 94 -6.04 4.57 7.49
C ILE A 94 -6.03 3.08 7.21
N GLY A 95 -6.77 2.59 6.23
CA GLY A 95 -6.84 1.23 5.82
C GLY A 95 -7.93 0.44 6.49
N LYS A 96 -8.27 -0.70 5.94
CA LYS A 96 -9.37 -1.51 6.38
C LYS A 96 -9.19 -2.03 7.80
N SER A 97 -7.99 -2.55 8.12
CA SER A 97 -7.80 -3.15 9.43
C SER A 97 -7.88 -2.10 10.50
N ALA A 98 -7.30 -0.92 10.29
CA ALA A 98 -7.39 0.15 11.29
C ALA A 98 -8.85 0.55 11.49
N PHE A 99 -9.57 0.67 10.37
CA PHE A 99 -11.01 1.01 10.50
C PHE A 99 -11.76 -0.06 11.23
N ALA A 100 -11.53 -1.32 10.97
CA ALA A 100 -12.25 -2.42 11.59
C ALA A 100 -12.10 -2.37 13.10
N GLY A 101 -10.95 -1.94 13.60
CA GLY A 101 -10.76 -1.91 15.02
C GLY A 101 -11.03 -0.57 15.65
N SER A 102 -11.59 0.40 14.92
CA SER A 102 -11.69 1.80 15.36
C SER A 102 -12.89 2.09 16.24
N THR A 103 -12.70 3.18 17.03
CA THR A 103 -13.80 3.72 17.78
C THR A 103 -14.85 4.35 16.84
N VAL A 104 -14.45 4.89 15.69
CA VAL A 104 -15.43 5.38 14.70
C VAL A 104 -16.43 4.29 14.37
N LEU A 105 -15.96 3.11 13.99
CA LEU A 105 -16.86 2.03 13.63
C LEU A 105 -17.74 1.62 14.82
N ARG A 106 -17.09 1.43 15.99
CA ARG A 106 -17.86 1.00 17.15
C ARG A 106 -19.02 1.97 17.46
N GLN A 107 -18.69 3.25 17.47
CA GLN A 107 -19.72 4.25 17.77
C GLN A 107 -20.77 4.30 16.72
N LEU A 108 -20.38 4.22 15.43
N LEU A 108 -20.38 4.22 15.43
N LEU A 108 -20.32 4.21 15.46
CA LEU A 108 -21.34 4.24 14.34
CA LEU A 108 -21.37 4.30 14.37
CA LEU A 108 -21.24 4.23 14.34
C LEU A 108 -22.37 3.14 14.57
C LEU A 108 -22.34 3.15 14.55
C LEU A 108 -22.30 3.16 14.55
N ASN A 109 -21.87 1.93 14.84
CA ASN A 109 -22.73 0.75 14.92
C ASN A 109 -23.65 0.80 16.14
N LEU A 110 -23.35 1.66 17.09
CA LEU A 110 -24.24 1.91 18.21
C LEU A 110 -25.24 2.98 17.91
N LYS A 111 -25.21 3.60 16.76
CA LYS A 111 -25.99 4.72 16.35
C LYS A 111 -25.69 5.98 17.14
N ASN A 112 -24.42 6.07 17.55
CA ASN A 112 -23.91 7.25 18.21
C ASN A 112 -23.21 8.07 17.14
N TYR A 113 -23.98 8.74 16.30
CA TYR A 113 -23.37 9.41 15.16
C TYR A 113 -22.47 10.59 15.48
N GLN A 114 -22.85 11.45 16.44
CA GLN A 114 -21.98 12.55 16.81
C GLN A 114 -20.64 12.02 17.37
N ALA A 115 -20.70 11.00 18.24
CA ALA A 115 -19.48 10.40 18.81
C ALA A 115 -18.65 9.75 17.73
N ALA A 116 -19.25 9.14 16.71
CA ALA A 116 -18.51 8.55 15.59
C ALA A 116 -17.76 9.66 14.86
N ALA A 117 -18.44 10.80 14.61
CA ALA A 117 -17.83 11.93 13.93
C ALA A 117 -16.62 12.45 14.72
N ASP A 118 -16.84 12.59 16.04
CA ASP A 118 -15.76 13.05 16.88
C ASP A 118 -14.59 12.09 16.89
N ALA A 119 -14.83 10.79 16.77
CA ALA A 119 -13.78 9.80 16.82
C ALA A 119 -12.94 9.84 15.54
N PHE A 120 -13.34 10.53 14.50
CA PHE A 120 -12.43 10.76 13.39
C PHE A 120 -11.15 11.43 13.87
N LEU A 121 -11.28 12.33 14.86
CA LEU A 121 -10.17 13.16 15.32
C LEU A 121 -9.09 12.37 16.00
N LEU A 122 -9.35 11.10 16.34
CA LEU A 122 -8.37 10.23 16.95
C LEU A 122 -7.31 9.79 15.94
N TRP A 123 -7.60 9.82 14.66
CA TRP A 123 -6.73 9.29 13.61
C TRP A 123 -5.84 10.40 13.07
N LYS A 124 -5.01 10.94 13.96
CA LYS A 124 -4.29 12.18 13.70
C LYS A 124 -2.80 12.06 13.58
N LYS A 125 -2.19 10.97 14.03
CA LYS A 125 -0.74 10.81 14.07
C LYS A 125 -0.20 10.24 12.76
N ALA A 126 0.98 10.72 12.37
CA ALA A 126 1.72 10.06 11.27
C ALA A 126 3.19 10.29 11.56
N GLY A 127 3.99 9.23 11.52
CA GLY A 127 5.42 9.39 11.82
C GLY A 127 5.63 10.03 13.16
N LYS A 128 6.51 11.04 13.16
CA LYS A 128 6.95 11.66 14.40
C LYS A 128 6.10 12.87 14.76
N ASP A 129 4.95 13.09 14.08
CA ASP A 129 4.11 14.23 14.43
C ASP A 129 2.75 13.73 14.91
N PRO A 130 2.41 13.92 16.18
CA PRO A 130 1.21 13.32 16.75
C PRO A 130 -0.10 13.90 16.24
N ASP A 131 -0.14 14.99 15.47
CA ASP A 131 -1.40 15.54 15.03
C ASP A 131 -1.40 15.95 13.55
N ILE A 132 -0.42 15.52 12.75
CA ILE A 132 -0.32 16.08 11.41
C ILE A 132 -1.51 15.81 10.52
N LEU A 133 -2.29 14.75 10.79
CA LEU A 133 -3.49 14.46 10.03
C LEU A 133 -4.73 15.09 10.64
N LEU A 134 -4.60 15.80 11.76
CA LEU A 134 -5.79 16.40 12.42
C LEU A 134 -6.51 17.38 11.51
N PRO A 135 -5.85 18.25 10.74
CA PRO A 135 -6.66 19.15 9.88
C PRO A 135 -7.50 18.35 8.91
N ARG A 136 -6.97 17.31 8.29
CA ARG A 136 -7.77 16.45 7.39
C ARG A 136 -8.91 15.80 8.14
N ARG A 137 -8.67 15.26 9.34
CA ARG A 137 -9.72 14.66 10.12
C ARG A 137 -10.84 15.67 10.44
N ARG A 138 -10.50 16.92 10.76
CA ARG A 138 -11.48 17.94 11.02
C ARG A 138 -12.34 18.21 9.78
N ARG A 139 -11.71 18.26 8.60
CA ARG A 139 -12.45 18.47 7.38
C ARG A 139 -13.38 17.31 7.07
N GLU A 140 -12.92 16.08 7.29
CA GLU A 140 -13.76 14.92 7.07
C GLU A 140 -14.91 14.87 8.06
N ARG A 141 -14.64 15.20 9.31
CA ARG A 141 -15.68 15.27 10.33
C ARG A 141 -16.74 16.29 9.94
N ALA A 142 -16.32 17.47 9.46
CA ALA A 142 -17.23 18.52 9.04
C ALA A 142 -18.09 17.99 7.88
N LEU A 143 -17.50 17.31 6.91
CA LEU A 143 -18.28 16.69 5.82
C LEU A 143 -19.30 15.70 6.39
N PHE A 144 -18.87 14.83 7.29
CA PHE A 144 -19.76 13.80 7.90
C PHE A 144 -20.98 14.45 8.51
N LEU A 145 -20.79 15.58 9.19
CA LEU A 145 -21.84 16.23 9.96
C LEU A 145 -22.67 17.18 9.10
N SER A 146 -22.32 17.36 7.85
CA SER A 146 -22.98 18.24 6.89
C SER A 146 -24.33 17.77 6.37
N MET B 1 6.17 -25.78 -4.81
CA MET B 1 6.58 -24.49 -5.43
C MET B 1 7.70 -23.81 -4.62
N MET B 2 8.47 -22.88 -5.23
CA MET B 2 9.54 -22.19 -4.50
C MET B 2 9.00 -21.39 -3.34
N GLN B 3 9.91 -21.13 -2.40
CA GLN B 3 9.59 -20.32 -1.26
C GLN B 3 10.82 -19.55 -0.83
N ILE B 4 10.59 -18.46 -0.13
CA ILE B 4 11.71 -17.64 0.35
C ILE B 4 12.51 -18.44 1.39
N SER B 5 13.82 -18.23 1.43
CA SER B 5 14.70 -18.93 2.37
C SER B 5 14.83 -18.14 3.67
N SER B 6 15.42 -18.79 4.66
CA SER B 6 15.75 -18.09 5.87
C SER B 6 16.67 -16.92 5.62
N ASN B 7 17.71 -17.11 4.82
CA ASN B 7 18.59 -15.99 4.47
C ASN B 7 17.82 -14.89 3.76
N GLY B 8 16.87 -15.28 2.91
CA GLY B 8 16.08 -14.28 2.21
C GLY B 8 15.26 -13.45 3.14
N ILE B 9 14.69 -14.04 4.16
CA ILE B 9 13.94 -13.33 5.20
C ILE B 9 14.89 -12.37 5.95
N THR B 10 16.05 -12.88 6.38
CA THR B 10 16.96 -12.02 7.10
C THR B 10 17.37 -10.81 6.27
N ARG B 11 17.67 -11.03 5.00
CA ARG B 11 18.12 -9.92 4.13
C ARG B 11 16.98 -8.95 3.90
N LEU B 12 15.76 -9.45 3.70
CA LEU B 12 14.61 -8.56 3.48
C LEU B 12 14.33 -7.71 4.73
N LYS B 13 14.41 -8.29 5.91
CA LYS B 13 14.24 -7.53 7.13
C LYS B 13 15.28 -6.38 7.20
N ARG B 14 16.50 -6.68 6.81
CA ARG B 14 17.56 -5.66 6.84
C ARG B 14 17.19 -4.53 5.89
N GLU B 15 16.69 -4.83 4.72
CA GLU B 15 16.38 -3.79 3.74
C GLU B 15 15.20 -2.95 4.20
N GLU B 16 14.19 -3.61 4.72
CA GLU B 16 12.91 -2.95 5.02
C GLU B 16 12.94 -2.23 6.36
N GLY B 17 13.67 -2.80 7.32
CA GLY B 17 13.59 -2.37 8.67
C GLY B 17 12.50 -3.18 9.37
N GLU B 18 12.83 -3.60 10.56
CA GLU B 18 11.87 -4.26 11.43
C GLU B 18 11.65 -3.40 12.67
N ARG B 19 10.40 -3.21 13.03
CA ARG B 19 10.00 -2.40 14.20
C ARG B 19 9.08 -3.27 15.05
N LEU B 20 9.57 -3.74 16.19
CA LEU B 20 8.80 -4.63 17.03
C LEU B 20 7.74 -3.94 17.88
N LYS B 21 7.73 -2.63 17.96
CA LYS B 21 6.72 -1.82 18.61
C LYS B 21 5.86 -1.12 17.55
N ALA B 22 4.54 -1.20 17.73
CA ALA B 22 3.64 -0.52 16.78
C ALA B 22 3.96 0.94 16.65
N TYR B 23 3.78 1.43 15.43
CA TYR B 23 3.98 2.85 15.10
C TYR B 23 2.99 3.24 14.04
N SER B 24 2.78 4.50 13.83
CA SER B 24 2.02 5.05 12.72
C SER B 24 3.00 5.45 11.62
N ASP B 25 2.80 4.87 10.41
CA ASP B 25 3.71 5.17 9.31
C ASP B 25 3.52 6.62 8.82
N SER B 26 4.29 6.96 7.80
CA SER B 26 4.29 8.37 7.32
C SER B 26 2.97 8.81 6.75
N ARG B 27 2.10 7.87 6.39
CA ARG B 27 0.77 8.16 5.92
C ARG B 27 -0.29 8.14 7.00
N GLY B 28 0.02 7.65 8.18
CA GLY B 28 -0.94 7.49 9.25
C GLY B 28 -1.44 6.09 9.50
N ILE B 29 -0.85 5.08 8.87
CA ILE B 29 -1.37 3.71 9.01
C ILE B 29 -0.64 2.98 10.12
N PRO B 30 -1.34 2.45 11.11
CA PRO B 30 -0.69 1.63 12.16
C PRO B 30 0.04 0.45 11.54
N THR B 31 1.29 0.27 11.94
CA THR B 31 2.18 -0.71 11.36
C THR B 31 3.02 -1.36 12.45
N ILE B 32 3.40 -2.62 12.21
CA ILE B 32 4.32 -3.30 13.14
C ILE B 32 5.12 -4.31 12.35
N GLY B 33 6.21 -4.79 12.92
CA GLY B 33 7.02 -5.81 12.24
C GLY B 33 7.68 -5.20 11.04
N VAL B 34 7.57 -5.92 9.92
CA VAL B 34 8.15 -5.50 8.65
C VAL B 34 6.99 -5.12 7.75
N GLY B 35 6.44 -3.92 7.96
CA GLY B 35 5.40 -3.40 7.15
C GLY B 35 4.04 -4.05 7.31
N HIS B 36 3.80 -4.76 8.44
CA HIS B 36 2.49 -5.40 8.62
C HIS B 36 1.46 -4.37 9.10
N THR B 37 0.40 -4.26 8.32
CA THR B 37 -0.66 -3.34 8.66
C THR B 37 -1.97 -4.08 8.92
N GLY B 38 -2.00 -5.37 8.63
CA GLY B 38 -3.22 -6.14 8.87
C GLY B 38 -3.31 -6.44 10.36
N LYS B 39 -4.29 -7.25 10.67
CA LYS B 39 -4.47 -7.68 12.05
C LYS B 39 -3.30 -8.59 12.49
N VAL B 40 -3.09 -8.64 13.80
CA VAL B 40 -2.14 -9.47 14.49
C VAL B 40 -2.97 -10.18 15.57
N ASP B 41 -2.98 -11.50 15.50
CA ASP B 41 -3.72 -12.29 16.46
C ASP B 41 -5.14 -11.78 16.56
N GLY B 42 -5.75 -11.46 15.41
CA GLY B 42 -7.19 -11.17 15.53
C GLY B 42 -7.52 -9.75 15.90
N ASN B 43 -6.50 -8.93 16.20
CA ASN B 43 -6.72 -7.55 16.61
C ASN B 43 -5.99 -6.59 15.72
N SER B 44 -6.50 -5.39 15.61
CA SER B 44 -5.85 -4.32 14.86
C SER B 44 -4.57 -3.90 15.54
N VAL B 45 -3.58 -3.56 14.78
CA VAL B 45 -2.36 -2.99 15.32
C VAL B 45 -2.69 -1.67 16.00
N ALA B 46 -2.15 -1.41 17.17
CA ALA B 46 -2.46 -0.15 17.85
C ALA B 46 -1.33 0.16 18.85
N SER B 47 -1.29 1.37 19.34
CA SER B 47 -0.24 1.96 20.11
C SER B 47 -0.01 1.06 21.31
N GLY B 48 1.27 0.83 21.55
CA GLY B 48 1.63 -0.02 22.67
C GLY B 48 1.77 -1.49 22.33
N MET B 49 1.25 -1.98 21.22
CA MET B 49 1.42 -3.40 20.84
C MET B 49 2.91 -3.65 20.61
N THR B 50 3.44 -4.74 21.14
CA THR B 50 4.76 -5.22 20.84
C THR B 50 4.70 -6.68 20.42
N ILE B 51 5.58 -7.05 19.51
CA ILE B 51 5.68 -8.45 19.07
C ILE B 51 7.12 -8.89 19.14
N THR B 52 7.34 -10.21 19.08
CA THR B 52 8.70 -10.77 19.01
C THR B 52 9.17 -10.79 17.59
N ALA B 53 10.53 -10.99 17.45
CA ALA B 53 11.09 -11.14 16.13
C ALA B 53 10.50 -12.33 15.39
N GLU B 54 10.20 -13.41 16.09
CA GLU B 54 9.68 -14.60 15.44
C GLU B 54 8.24 -14.33 14.96
N LYS B 55 7.42 -13.62 15.74
CA LYS B 55 6.11 -13.25 15.25
C LYS B 55 6.21 -12.30 14.04
N SER B 56 7.20 -11.39 14.10
CA SER B 56 7.42 -10.52 12.94
C SER B 56 7.74 -11.36 11.71
N SER B 57 8.53 -12.40 11.83
CA SER B 57 8.82 -13.30 10.69
C SER B 57 7.57 -14.01 10.18
N GLU B 58 6.75 -14.48 11.11
CA GLU B 58 5.51 -15.12 10.75
C GLU B 58 4.59 -14.20 9.94
N LEU B 59 4.45 -12.99 10.44
CA LEU B 59 3.61 -11.97 9.73
C LEU B 59 4.22 -11.61 8.39
N LEU B 60 5.56 -11.51 8.31
CA LEU B 60 6.21 -11.22 7.01
C LEU B 60 5.96 -12.34 6.02
N LYS B 61 6.06 -13.60 6.46
CA LYS B 61 5.75 -14.68 5.47
C LYS B 61 4.32 -14.64 5.00
N GLU B 62 3.36 -14.29 5.86
CA GLU B 62 1.97 -14.05 5.43
C GLU B 62 1.91 -12.93 4.41
N ASP B 63 2.57 -11.82 4.67
CA ASP B 63 2.55 -10.64 3.77
C ASP B 63 3.32 -10.83 2.50
N LEU B 64 4.20 -11.80 2.44
CA LEU B 64 4.95 -12.13 1.23
C LEU B 64 4.20 -13.07 0.35
N GLN B 65 3.06 -13.62 0.80
CA GLN B 65 2.42 -14.58 -0.13
C GLN B 65 2.08 -14.00 -1.48
N TRP B 66 1.71 -12.73 -1.57
CA TRP B 66 1.41 -12.15 -2.87
C TRP B 66 2.67 -12.03 -3.72
N VAL B 67 3.82 -11.83 -3.09
CA VAL B 67 5.09 -11.72 -3.81
C VAL B 67 5.47 -13.08 -4.39
N GLU B 68 5.40 -14.11 -3.55
CA GLU B 68 5.71 -15.48 -4.00
C GLU B 68 4.74 -15.91 -5.07
N ASP B 69 3.47 -15.58 -4.93
CA ASP B 69 2.51 -15.88 -5.97
C ASP B 69 2.81 -15.18 -7.26
N ALA B 70 3.25 -13.92 -7.18
CA ALA B 70 3.56 -13.16 -8.37
C ALA B 70 4.75 -13.83 -9.11
N ILE B 71 5.78 -14.24 -8.36
CA ILE B 71 6.95 -14.88 -9.01
C ILE B 71 6.50 -16.16 -9.69
N SER B 72 5.69 -16.96 -8.96
CA SER B 72 5.19 -18.23 -9.53
C SER B 72 4.36 -18.03 -10.78
N SER B 73 3.54 -16.96 -10.75
N SER B 73 3.53 -16.95 -10.81
N SER B 73 3.52 -16.98 -10.84
CA SER B 73 2.65 -16.63 -11.87
CA SER B 73 2.62 -16.68 -11.93
CA SER B 73 2.71 -16.88 -12.07
C SER B 73 3.42 -16.17 -13.10
C SER B 73 3.28 -16.00 -13.12
C SER B 73 3.44 -16.18 -13.20
N LEU B 74 4.36 -15.25 -12.90
CA LEU B 74 5.01 -14.50 -13.95
C LEU B 74 6.30 -15.07 -14.49
N VAL B 75 7.06 -15.78 -13.68
CA VAL B 75 8.38 -16.25 -14.09
C VAL B 75 8.25 -17.73 -14.52
N ARG B 76 8.75 -17.99 -15.72
CA ARG B 76 8.58 -19.31 -16.37
C ARG B 76 9.88 -20.03 -16.52
N VAL B 77 10.96 -19.55 -15.97
CA VAL B 77 12.28 -20.11 -16.13
C VAL B 77 12.85 -20.50 -14.78
N PRO B 78 13.87 -21.36 -14.74
CA PRO B 78 14.47 -21.74 -13.48
C PRO B 78 15.09 -20.57 -12.69
N LEU B 79 14.94 -20.66 -11.37
CA LEU B 79 15.55 -19.71 -10.44
C LEU B 79 16.26 -20.48 -9.36
N ASN B 80 17.50 -20.09 -9.07
CA ASN B 80 18.14 -20.61 -7.88
C ASN B 80 17.62 -19.81 -6.70
N GLN B 81 17.99 -20.26 -5.48
CA GLN B 81 17.42 -19.63 -4.30
C GLN B 81 17.87 -18.19 -4.13
N ASN B 82 19.13 -17.90 -4.43
CA ASN B 82 19.60 -16.50 -4.27
C ASN B 82 18.86 -15.58 -5.20
N GLN B 83 18.65 -16.01 -6.44
CA GLN B 83 17.89 -15.24 -7.41
C GLN B 83 16.48 -15.00 -6.86
N TYR B 84 15.84 -16.06 -6.37
CA TYR B 84 14.50 -15.99 -5.86
C TYR B 84 14.41 -15.01 -4.68
N ASP B 85 15.34 -15.14 -3.75
CA ASP B 85 15.32 -14.29 -2.56
C ASP B 85 15.51 -12.81 -2.93
N ALA B 86 16.39 -12.54 -3.89
CA ALA B 86 16.61 -11.16 -4.33
C ALA B 86 15.36 -10.60 -4.97
N MET B 87 14.70 -11.41 -5.81
CA MET B 87 13.46 -10.98 -6.43
C MET B 87 12.37 -10.72 -5.42
N CYS B 88 12.29 -11.55 -4.37
CA CYS B 88 11.30 -11.29 -3.34
C CYS B 88 11.51 -9.88 -2.75
N SER B 89 12.75 -9.54 -2.50
CA SER B 89 13.06 -8.25 -1.90
C SER B 89 12.70 -7.10 -2.83
N LEU B 90 13.05 -7.23 -4.12
CA LEU B 90 12.70 -6.19 -5.09
C LEU B 90 11.18 -6.03 -5.16
N ILE B 91 10.48 -7.11 -5.34
CA ILE B 91 9.04 -7.06 -5.57
C ILE B 91 8.30 -6.57 -4.38
N PHE B 92 8.71 -7.05 -3.19
CA PHE B 92 8.05 -6.57 -1.96
C PHE B 92 8.10 -5.05 -1.90
N ASN B 93 9.17 -4.47 -2.42
CA ASN B 93 9.31 -3.01 -2.50
C ASN B 93 8.48 -2.39 -3.61
N ILE B 94 8.72 -2.76 -4.88
CA ILE B 94 8.15 -2.02 -6.01
C ILE B 94 6.72 -2.44 -6.34
N GLY B 95 6.28 -3.58 -5.90
CA GLY B 95 4.94 -4.06 -6.10
C GLY B 95 4.81 -4.98 -7.32
N LYS B 96 3.70 -5.77 -7.33
CA LYS B 96 3.50 -6.75 -8.38
C LYS B 96 3.38 -6.11 -9.75
N SER B 97 2.56 -5.05 -9.88
CA SER B 97 2.32 -4.42 -11.17
C SER B 97 3.60 -3.88 -11.77
N ALA B 98 4.40 -3.19 -10.98
CA ALA B 98 5.66 -2.68 -11.45
C ALA B 98 6.56 -3.84 -11.92
N PHE B 99 6.65 -4.91 -11.13
CA PHE B 99 7.46 -6.05 -11.57
C PHE B 99 6.92 -6.65 -12.86
N ALA B 100 5.61 -6.80 -12.96
CA ALA B 100 5.03 -7.43 -14.18
C ALA B 100 5.43 -6.68 -15.44
N GLY B 101 5.59 -5.37 -15.37
CA GLY B 101 5.92 -4.56 -16.51
C GLY B 101 7.40 -4.37 -16.70
N SER B 102 8.23 -4.95 -15.88
CA SER B 102 9.62 -4.63 -15.78
C SER B 102 10.54 -5.31 -16.78
N THR B 103 11.68 -4.68 -17.02
CA THR B 103 12.78 -5.27 -17.79
C THR B 103 13.40 -6.43 -17.05
N VAL B 104 13.43 -6.39 -15.68
CA VAL B 104 13.88 -7.57 -14.90
C VAL B 104 13.13 -8.81 -15.38
N LEU B 105 11.80 -8.72 -15.39
CA LEU B 105 10.98 -9.90 -15.71
C LEU B 105 11.18 -10.34 -17.17
N ARG B 106 11.17 -9.37 -18.08
CA ARG B 106 11.28 -9.72 -19.49
C ARG B 106 12.59 -10.41 -19.74
N GLN B 107 13.69 -9.86 -19.17
CA GLN B 107 15.01 -10.48 -19.34
C GLN B 107 15.13 -11.85 -18.69
N LEU B 108 14.56 -11.96 -17.48
N LEU B 108 14.56 -12.00 -17.47
CA LEU B 108 14.58 -13.26 -16.84
CA LEU B 108 14.51 -13.26 -16.78
C LEU B 108 13.92 -14.35 -17.69
N ASN B 109 12.74 -14.04 -18.23
CA ASN B 109 12.04 -15.06 -19.04
C ASN B 109 12.73 -15.34 -20.37
N LEU B 110 13.68 -14.55 -20.78
CA LEU B 110 14.55 -14.85 -21.92
C LEU B 110 15.82 -15.59 -21.50
N LYS B 111 15.99 -15.87 -20.21
CA LYS B 111 17.19 -16.46 -19.62
C LYS B 111 18.42 -15.61 -19.80
N ASN B 112 18.24 -14.29 -19.83
CA ASN B 112 19.38 -13.39 -19.80
C ASN B 112 19.51 -12.93 -18.34
N TYR B 113 20.06 -13.85 -17.53
CA TYR B 113 20.07 -13.62 -16.09
C TYR B 113 20.96 -12.47 -15.66
N GLN B 114 22.12 -12.26 -16.30
CA GLN B 114 22.92 -11.09 -15.99
C GLN B 114 22.21 -9.79 -16.33
N ALA B 115 21.56 -9.73 -17.50
CA ALA B 115 20.79 -8.54 -17.87
C ALA B 115 19.62 -8.32 -16.91
N ALA B 116 18.97 -9.37 -16.46
CA ALA B 116 17.92 -9.23 -15.43
C ALA B 116 18.48 -8.64 -14.15
N ALA B 117 19.62 -9.12 -13.72
CA ALA B 117 20.26 -8.64 -12.52
C ALA B 117 20.56 -7.16 -12.68
N ASP B 118 21.13 -6.76 -13.80
CA ASP B 118 21.50 -5.37 -13.98
C ASP B 118 20.27 -4.48 -14.03
N ALA B 119 19.14 -4.98 -14.50
CA ALA B 119 17.89 -4.26 -14.56
C ALA B 119 17.35 -4.00 -13.15
N PHE B 120 17.82 -4.66 -12.10
CA PHE B 120 17.43 -4.25 -10.75
C PHE B 120 17.78 -2.79 -10.51
N LEU B 121 18.89 -2.34 -11.08
CA LEU B 121 19.45 -1.02 -10.78
C LEU B 121 18.60 0.10 -11.37
N LEU B 122 17.63 -0.23 -12.23
CA LEU B 122 16.72 0.76 -12.78
C LEU B 122 15.72 1.24 -11.72
N TRP B 123 15.46 0.46 -10.68
CA TRP B 123 14.40 0.74 -9.71
C TRP B 123 15.00 1.49 -8.53
N LYS B 124 15.47 2.69 -8.82
CA LYS B 124 16.30 3.46 -7.91
C LYS B 124 15.66 4.71 -7.35
N LYS B 125 14.59 5.24 -7.96
CA LYS B 125 14.02 6.50 -7.56
C LYS B 125 12.91 6.31 -6.57
N ALA B 126 12.79 7.26 -5.64
CA ALA B 126 11.63 7.35 -4.75
C ALA B 126 11.42 8.81 -4.45
N GLY B 127 10.18 9.30 -4.64
CA GLY B 127 9.92 10.72 -4.39
C GLY B 127 10.81 11.57 -5.30
N LYS B 128 11.37 12.60 -4.71
CA LYS B 128 12.21 13.56 -5.39
C LYS B 128 13.67 13.17 -5.38
N ASP B 129 14.03 11.96 -4.98
CA ASP B 129 15.43 11.56 -5.01
C ASP B 129 15.64 10.49 -6.09
N PRO B 130 16.42 10.83 -7.13
CA PRO B 130 16.53 9.90 -8.26
C PRO B 130 17.28 8.61 -7.97
N ASP B 131 18.02 8.49 -6.87
CA ASP B 131 18.85 7.29 -6.64
C ASP B 131 18.75 6.73 -5.22
N ILE B 132 17.75 7.13 -4.43
CA ILE B 132 17.75 6.74 -3.04
C ILE B 132 17.70 5.23 -2.82
N LEU B 133 17.08 4.48 -3.74
CA LEU B 133 17.01 3.03 -3.60
C LEU B 133 18.18 2.31 -4.25
N LEU B 134 19.11 3.04 -4.87
CA LEU B 134 20.20 2.36 -5.58
C LEU B 134 21.06 1.51 -4.66
N PRO B 135 21.46 1.89 -3.48
CA PRO B 135 22.24 1.00 -2.62
C PRO B 135 21.54 -0.32 -2.35
N ARG B 136 20.22 -0.25 -2.06
CA ARG B 136 19.43 -1.49 -1.87
C ARG B 136 19.44 -2.33 -3.14
N ARG B 137 19.22 -1.70 -4.30
CA ARG B 137 19.21 -2.43 -5.54
C ARG B 137 20.56 -3.12 -5.78
N ARG B 138 21.68 -2.43 -5.45
CA ARG B 138 22.98 -3.05 -5.64
C ARG B 138 23.15 -4.28 -4.75
N ARG B 139 22.69 -4.18 -3.48
CA ARG B 139 22.77 -5.34 -2.59
C ARG B 139 21.90 -6.49 -3.09
N GLU B 140 20.69 -6.20 -3.61
CA GLU B 140 19.82 -7.22 -4.13
C GLU B 140 20.40 -7.87 -5.38
N ARG B 141 21.00 -7.04 -6.24
CA ARG B 141 21.64 -7.53 -7.45
C ARG B 141 22.80 -8.46 -7.06
N ALA B 142 23.61 -8.08 -6.07
CA ALA B 142 24.70 -8.93 -5.59
C ALA B 142 24.20 -10.23 -5.06
N LEU B 143 23.10 -10.23 -4.32
CA LEU B 143 22.50 -11.49 -3.85
C LEU B 143 22.05 -12.31 -5.02
N PHE B 144 21.36 -11.69 -5.98
CA PHE B 144 20.88 -12.42 -7.14
C PHE B 144 21.98 -13.17 -7.84
N LEU B 145 23.15 -12.58 -7.97
CA LEU B 145 24.30 -13.11 -8.70
C LEU B 145 25.18 -13.99 -7.85
N SER B 146 24.88 -14.16 -6.58
CA SER B 146 25.76 -14.93 -5.73
C SER B 146 25.52 -16.43 -5.75
S SO4 C . -3.31 20.45 6.10
O1 SO4 C . -4.44 21.45 6.07
O2 SO4 C . -3.87 19.08 6.00
O3 SO4 C . -2.56 20.62 7.37
O4 SO4 C . -2.47 20.72 4.92
S SO4 D . -26.46 10.98 18.09
O1 SO4 D . -25.88 10.35 19.35
O2 SO4 D . -26.70 9.88 17.09
O3 SO4 D . -27.78 11.54 18.37
O4 SO4 D . -25.50 11.93 17.53
S SO4 E . 1.56 16.17 -12.10
O1 SO4 E . 1.99 16.87 -10.81
O2 SO4 E . 1.94 14.77 -11.99
O3 SO4 E . 0.05 16.28 -12.28
O4 SO4 E . 2.05 17.03 -13.26
S SO4 F . -17.60 21.97 4.29
O1 SO4 F . -18.64 22.01 3.23
O2 SO4 F . -17.72 20.78 5.17
O3 SO4 F . -17.64 23.27 5.03
O4 SO4 F . -16.32 21.97 3.56
MG MG G . -19.17 -3.61 -2.72
SM SM H . -15.06 -3.00 -9.70
SM SM I . -15.16 7.79 -18.96
I IOD J . -10.54 18.27 -7.97
I IOD K . -20.00 22.73 8.64
CL CL L . -7.62 1.50 -17.05
CL CL L . -6.97 0.49 -15.25
S SO4 M . 21.27 2.52 2.27
O1 SO4 M . 20.82 2.69 3.67
O2 SO4 M . 21.53 3.92 1.73
O3 SO4 M . 22.60 1.78 2.24
O4 SO4 M . 20.22 1.72 1.57
S SO4 N . 7.46 4.97 7.10
O1 SO4 N . 8.41 6.09 6.76
O2 SO4 N . 8.10 3.77 6.41
O3 SO4 N . 6.17 5.23 6.46
O4 SO4 N . 7.40 4.74 8.58
SM SM O . 20.12 10.70 -3.65
I IOD P . -0.03 2.92 16.23
I IOD Q . 4.98 -19.44 8.10
I IOD R . 12.95 -22.70 -19.56
I IOD S . 9.70 11.23 -0.98
CL CL T . 4.25 -11.97 19.79
#